data_8PY7
#
_entry.id   8PY7
#
_cell.length_a   41.758
_cell.length_b   75.376
_cell.length_c   101.764
_cell.angle_alpha   90.000
_cell.angle_beta   90.000
_cell.angle_gamma   90.000
#
_symmetry.space_group_name_H-M   'P 21 21 21'
#
loop_
_entity.id
_entity.type
_entity.pdbx_description
1 polymer 'Isopenicillin N synthase'
2 non-polymer 'SULFATE ION'
3 non-polymer L-D-(A-AMINOADIPOYL)-L-CYSTEINYL-D-VALINE
4 non-polymer 'OXYGEN MOLECULE'
5 non-polymer 'FE (III) ION'
6 water water
#
_entity_poly.entity_id   1
_entity_poly.type   'polypeptide(L)'
_entity_poly.pdbx_seq_one_letter_code
;MGSVSKANVPKIDVSPLFGDDQAAKMRVAQQIDAASRDTGFFYAVNHGINVQRLSQKTKEFHMSITPEEKWDLAIRAYNK
EHQDQVRAGYYLSIPGKKAVESFCYLNPNFTPDHPRIQAKTPTHEVNVWPDETKHPGFQDFAEQYYWDVFGLSSALLKGY
ALALGKEENFFARHFKPDDTLASVVLIRYPYLDPYPEAAIKTAADGTKLSFEWHEDVSLITVLYQSNVQNLQVETAAGYQ
DIEADDTGYLINCGSYMAHLTNNYYKAPIHRVKWVNAERQSLPFFVNLGYDSVIDPFDPREPNGKSDREPLSYGDYLQNG
LVSLINKNGQT
;
_entity_poly.pdbx_strand_id   A
#
loop_
_chem_comp.id
_chem_comp.type
_chem_comp.name
_chem_comp.formula
ACV non-polymer L-D-(A-AMINOADIPOYL)-L-CYSTEINYL-D-VALINE 'C14 H25 N3 O6 S'
FE non-polymer 'FE (III) ION' 'Fe 3'
OXY non-polymer 'OXYGEN MOLECULE' O2
SO4 non-polymer 'SULFATE ION' 'O4 S -2'
#
# COMPACT_ATOMS: atom_id res chain seq x y z
N SER A 3 -12.72 -25.19 10.37
CA SER A 3 -12.89 -24.24 9.27
C SER A 3 -11.63 -23.39 9.06
N VAL A 4 -11.76 -22.08 9.25
CA VAL A 4 -10.66 -21.15 8.98
C VAL A 4 -10.22 -20.53 10.29
N SER A 5 -8.93 -20.58 10.55
CA SER A 5 -8.38 -20.01 11.77
C SER A 5 -8.12 -18.53 11.56
N LYS A 6 -7.80 -17.87 12.65
CA LYS A 6 -7.54 -16.44 12.68
C LYS A 6 -6.05 -16.21 12.90
N ALA A 7 -5.52 -15.24 12.17
CA ALA A 7 -4.11 -14.94 12.23
C ALA A 7 -3.79 -14.15 13.48
N ASN A 8 -2.59 -14.37 14.00
CA ASN A 8 -2.11 -13.57 15.12
C ASN A 8 -1.56 -12.28 14.56
N VAL A 9 -2.30 -11.19 14.75
CA VAL A 9 -1.89 -9.89 14.26
C VAL A 9 -1.80 -8.96 15.45
N PRO A 10 -0.62 -8.73 15.97
CA PRO A 10 -0.50 -7.94 17.19
C PRO A 10 -0.74 -6.47 16.92
N LYS A 11 -1.20 -5.78 17.94
CA LYS A 11 -1.34 -4.34 17.93
C LYS A 11 -0.12 -3.74 18.60
N ILE A 12 0.64 -2.96 17.85
CA ILE A 12 1.90 -2.39 18.32
C ILE A 12 1.74 -0.88 18.45
N ASP A 13 1.97 -0.37 19.66
CA ASP A 13 1.98 1.06 19.89
C ASP A 13 3.26 1.62 19.28
N VAL A 14 3.12 2.35 18.18
CA VAL A 14 4.29 2.87 17.49
C VAL A 14 4.68 4.27 17.95
N SER A 15 3.98 4.84 18.94
CA SER A 15 4.28 6.20 19.35
C SER A 15 5.73 6.42 19.78
N PRO A 16 6.43 5.46 20.40
CA PRO A 16 7.85 5.72 20.72
C PRO A 16 8.71 6.02 19.51
N LEU A 17 8.31 5.57 18.31
CA LEU A 17 9.11 5.82 17.11
C LEU A 17 9.14 7.28 16.71
N PHE A 18 8.24 8.10 17.24
CA PHE A 18 8.26 9.52 16.98
C PHE A 18 9.07 10.29 18.01
N GLY A 19 9.61 9.62 19.03
CA GLY A 19 10.23 10.26 20.15
C GLY A 19 11.72 10.02 20.22
N ASP A 20 12.29 10.30 21.40
CA ASP A 20 13.73 10.24 21.60
C ASP A 20 14.14 9.28 22.72
N ASP A 21 13.25 8.41 23.16
CA ASP A 21 13.59 7.36 24.13
C ASP A 21 14.10 6.15 23.36
N GLN A 22 15.42 5.95 23.35
CA GLN A 22 15.99 4.97 22.44
C GLN A 22 15.65 3.55 22.87
N ALA A 23 15.62 3.28 24.18
CA ALA A 23 15.24 1.94 24.61
C ALA A 23 13.80 1.62 24.28
N ALA A 24 12.90 2.60 24.43
CA ALA A 24 11.51 2.36 24.04
C ALA A 24 11.40 2.06 22.55
N LYS A 25 12.20 2.74 21.72
CA LYS A 25 12.19 2.43 20.29
C LYS A 25 12.65 1.01 20.03
N MET A 26 13.67 0.55 20.77
CA MET A 26 14.11 -0.84 20.61
C MET A 26 13.01 -1.82 20.97
N ARG A 27 12.23 -1.52 22.03
CA ARG A 27 11.13 -2.42 22.38
C ARG A 27 10.06 -2.47 21.30
N VAL A 28 9.81 -1.37 20.59
CA VAL A 28 8.91 -1.40 19.44
C VAL A 28 9.52 -2.24 18.33
N ALA A 29 10.81 -2.01 18.05
CA ALA A 29 11.51 -2.75 17.03
C ALA A 29 11.43 -4.25 17.26
N GLN A 30 11.56 -4.68 18.52
CA GLN A 30 11.48 -6.11 18.81
C GLN A 30 10.13 -6.67 18.40
N GLN A 31 9.07 -5.90 18.63
CA GLN A 31 7.72 -6.35 18.31
C GLN A 31 7.51 -6.39 16.80
N ILE A 32 8.08 -5.42 16.08
CA ILE A 32 8.04 -5.43 14.61
C ILE A 32 8.77 -6.65 14.07
N ASP A 33 9.94 -6.96 14.66
CA ASP A 33 10.68 -8.13 14.23
C ASP A 33 9.85 -9.39 14.44
N ALA A 34 9.24 -9.51 15.61
CA ALA A 34 8.50 -10.73 15.93
C ALA A 34 7.32 -10.91 14.99
N ALA A 35 6.60 -9.82 14.70
CA ALA A 35 5.48 -9.92 13.77
C ALA A 35 5.96 -10.25 12.37
N SER A 36 7.10 -9.66 11.96
CA SER A 36 7.57 -9.84 10.60
C SER A 36 8.04 -11.26 10.35
N ARG A 37 8.45 -11.95 11.41
N ARG A 37 8.47 -11.97 11.39
CA ARG A 37 8.91 -13.32 11.33
CA ARG A 37 8.89 -13.35 11.22
C ARG A 37 7.78 -14.33 11.53
C ARG A 37 7.80 -14.36 11.61
N ASP A 38 6.61 -13.88 11.98
CA ASP A 38 5.47 -14.75 12.23
C ASP A 38 4.54 -14.67 11.02
N THR A 39 3.39 -14.01 11.14
CA THR A 39 2.52 -13.99 9.98
C THR A 39 2.88 -12.90 9.00
N GLY A 40 3.66 -11.92 9.43
CA GLY A 40 4.06 -10.85 8.57
C GLY A 40 3.22 -9.60 8.67
N PHE A 41 2.18 -9.61 9.49
CA PHE A 41 1.30 -8.46 9.62
C PHE A 41 1.25 -7.99 11.06
N PHE A 42 1.11 -6.67 11.24
CA PHE A 42 0.75 -6.11 12.52
C PHE A 42 -0.09 -4.88 12.34
N TYR A 43 -0.82 -4.49 13.39
CA TYR A 43 -1.51 -3.22 13.43
C TYR A 43 -0.67 -2.17 14.16
N ALA A 44 -0.50 -1.02 13.52
CA ALA A 44 0.13 0.14 14.14
C ALA A 44 -0.96 0.94 14.83
N VAL A 45 -0.84 1.11 16.14
CA VAL A 45 -1.80 1.88 16.90
C VAL A 45 -1.09 3.05 17.57
N ASN A 46 -1.89 4.04 17.98
CA ASN A 46 -1.36 5.27 18.54
C ASN A 46 -0.48 5.97 17.51
N HIS A 47 -1.02 6.08 16.30
CA HIS A 47 -0.29 6.57 15.14
C HIS A 47 -0.48 8.05 14.88
N GLY A 48 -1.49 8.68 15.47
CA GLY A 48 -1.65 10.11 15.37
C GLY A 48 -2.36 10.61 14.13
N ILE A 49 -2.86 9.74 13.26
CA ILE A 49 -3.53 10.16 12.04
C ILE A 49 -5.03 10.18 12.28
N ASN A 50 -5.69 11.23 11.81
CA ASN A 50 -7.14 11.35 11.92
C ASN A 50 -7.78 10.48 10.85
N VAL A 51 -7.99 9.21 11.19
CA VAL A 51 -8.56 8.27 10.22
C VAL A 51 -10.06 8.45 10.05
N GLN A 52 -10.74 9.05 11.02
CA GLN A 52 -12.16 9.38 10.83
C GLN A 52 -12.35 10.38 9.71
N ARG A 53 -11.51 11.42 9.66
CA ARG A 53 -11.61 12.40 8.59
C ARG A 53 -11.22 11.78 7.25
N LEU A 54 -10.19 10.93 7.25
CA LEU A 54 -9.80 10.22 6.04
C LEU A 54 -10.98 9.45 5.46
N SER A 55 -11.65 8.66 6.29
CA SER A 55 -12.73 7.82 5.78
C SER A 55 -13.91 8.67 5.31
N GLN A 56 -14.23 9.75 6.04
CA GLN A 56 -15.37 10.58 5.68
C GLN A 56 -15.14 11.29 4.34
N LYS A 57 -13.95 11.87 4.17
CA LYS A 57 -13.67 12.61 2.96
C LYS A 57 -13.58 11.69 1.76
N THR A 58 -13.05 10.48 1.96
CA THR A 58 -12.99 9.50 0.89
C THR A 58 -14.38 9.05 0.50
N LYS A 59 -15.24 8.82 1.49
CA LYS A 59 -16.61 8.44 1.17
C LYS A 59 -17.32 9.52 0.36
N GLU A 60 -17.17 10.79 0.76
CA GLU A 60 -17.86 11.87 0.07
C GLU A 60 -17.43 11.95 -1.40
N PHE A 61 -16.16 11.65 -1.68
CA PHE A 61 -15.66 11.65 -3.04
C PHE A 61 -16.24 10.50 -3.85
N HIS A 62 -16.08 9.27 -3.35
CA HIS A 62 -16.54 8.09 -4.08
C HIS A 62 -18.02 8.19 -4.40
N MET A 63 -18.80 8.75 -3.48
CA MET A 63 -20.25 8.76 -3.64
C MET A 63 -20.77 9.91 -4.48
N SER A 64 -19.96 10.94 -4.70
CA SER A 64 -20.43 12.11 -5.43
C SER A 64 -19.84 12.23 -6.84
N ILE A 65 -18.83 11.44 -7.18
CA ILE A 65 -18.23 11.55 -8.51
C ILE A 65 -19.14 10.90 -9.55
N THR A 66 -19.21 11.52 -10.73
CA THR A 66 -20.15 11.12 -11.78
C THR A 66 -19.43 10.45 -12.93
N PRO A 67 -20.16 9.75 -13.81
CA PRO A 67 -19.48 9.08 -14.93
C PRO A 67 -18.65 10.02 -15.78
N GLU A 68 -19.13 11.24 -16.01
CA GLU A 68 -18.37 12.20 -16.80
C GLU A 68 -17.01 12.46 -16.19
N GLU A 69 -16.99 12.73 -14.89
CA GLU A 69 -15.74 12.98 -14.19
C GLU A 69 -14.83 11.75 -14.21
N LYS A 70 -15.41 10.55 -14.13
CA LYS A 70 -14.56 9.37 -14.12
C LYS A 70 -13.85 9.19 -15.45
N TRP A 71 -14.53 9.45 -16.57
CA TRP A 71 -13.85 9.38 -17.85
C TRP A 71 -12.74 10.41 -17.92
N ASP A 72 -13.00 11.62 -17.43
CA ASP A 72 -12.00 12.69 -17.51
C ASP A 72 -10.76 12.39 -16.68
N LEU A 73 -10.88 11.55 -15.66
CA LEU A 73 -9.78 11.24 -14.77
C LEU A 73 -9.18 9.86 -15.03
N ALA A 74 -9.73 9.12 -16.00
CA ALA A 74 -9.42 7.72 -16.13
C ALA A 74 -7.98 7.48 -16.55
N ILE A 75 -7.41 6.40 -16.03
CA ILE A 75 -6.11 5.94 -16.50
C ILE A 75 -6.24 5.36 -17.92
N ARG A 76 -5.09 5.18 -18.58
CA ARG A 76 -5.03 4.73 -19.97
C ARG A 76 -5.75 3.42 -20.21
N ALA A 77 -5.83 2.55 -19.21
CA ALA A 77 -6.52 1.29 -19.44
C ALA A 77 -8.00 1.48 -19.75
N TYR A 78 -8.59 2.59 -19.32
CA TYR A 78 -9.99 2.89 -19.53
C TYR A 78 -10.24 4.04 -20.49
N ASN A 79 -9.20 4.78 -20.87
CA ASN A 79 -9.36 5.94 -21.74
C ASN A 79 -8.10 6.07 -22.58
N LYS A 80 -8.20 5.71 -23.86
CA LYS A 80 -7.03 5.71 -24.73
C LYS A 80 -6.46 7.11 -24.96
N GLU A 81 -7.19 8.16 -24.60
CA GLU A 81 -6.66 9.50 -24.80
C GLU A 81 -5.58 9.84 -23.77
N HIS A 82 -5.55 9.10 -22.66
CA HIS A 82 -4.70 9.46 -21.53
C HIS A 82 -3.45 8.58 -21.48
N GLN A 83 -2.64 8.68 -22.55
CA GLN A 83 -1.47 7.80 -22.69
C GLN A 83 -0.48 7.98 -21.56
N ASP A 84 -0.46 9.15 -20.93
CA ASP A 84 0.50 9.43 -19.87
C ASP A 84 0.04 9.02 -18.47
N GLN A 85 -1.18 8.52 -18.31
CA GLN A 85 -1.70 8.11 -17.02
C GLN A 85 -1.70 6.59 -16.98
N VAL A 86 -0.59 6.03 -16.54
CA VAL A 86 -0.51 4.60 -16.27
C VAL A 86 -0.85 4.32 -14.82
N ARG A 87 -0.37 5.15 -13.89
CA ARG A 87 -0.58 4.92 -12.48
C ARG A 87 -1.64 5.82 -11.88
N ALA A 88 -1.58 7.12 -12.16
CA ALA A 88 -2.38 8.09 -11.43
C ALA A 88 -3.68 8.33 -12.16
N GLY A 89 -4.77 8.31 -11.42
CA GLY A 89 -6.07 8.65 -11.95
C GLY A 89 -7.12 7.68 -11.46
N TYR A 90 -8.23 7.63 -12.18
N TYR A 90 -8.24 7.62 -12.20
CA TYR A 90 -9.37 6.84 -11.77
CA TYR A 90 -9.41 6.86 -11.79
C TYR A 90 -9.36 5.47 -12.46
C TYR A 90 -9.45 5.50 -12.49
N TYR A 91 -9.78 4.46 -11.72
CA TYR A 91 -9.79 3.07 -12.17
C TYR A 91 -11.26 2.70 -12.10
N LEU A 92 -11.93 2.62 -13.24
CA LEU A 92 -13.37 2.56 -13.24
C LEU A 92 -13.89 1.16 -12.92
N SER A 93 -15.05 1.12 -12.28
CA SER A 93 -15.83 -0.11 -12.21
C SER A 93 -16.55 -0.30 -13.53
N ILE A 94 -17.01 -1.53 -13.77
CA ILE A 94 -17.72 -1.89 -15.00
C ILE A 94 -19.04 -2.50 -14.53
N PRO A 95 -20.15 -1.76 -14.56
CA PRO A 95 -21.40 -2.27 -14.02
C PRO A 95 -21.73 -3.64 -14.60
N GLY A 96 -22.07 -4.57 -13.72
CA GLY A 96 -22.41 -5.92 -14.11
C GLY A 96 -21.23 -6.84 -14.27
N LYS A 97 -20.01 -6.32 -14.16
CA LYS A 97 -18.82 -7.12 -14.44
C LYS A 97 -17.70 -6.94 -13.44
N LYS A 98 -17.44 -5.69 -13.02
CA LYS A 98 -16.30 -5.37 -12.16
C LYS A 98 -16.78 -4.41 -11.09
N ALA A 99 -16.65 -4.81 -9.83
CA ALA A 99 -17.25 -4.04 -8.77
C ALA A 99 -16.33 -2.96 -8.24
N VAL A 100 -15.04 -3.26 -8.11
CA VAL A 100 -14.12 -2.35 -7.45
C VAL A 100 -13.83 -1.15 -8.34
N GLU A 101 -13.72 0.01 -7.73
N GLU A 101 -13.65 0.00 -7.69
CA GLU A 101 -13.19 1.18 -8.41
CA GLU A 101 -13.24 1.21 -8.36
C GLU A 101 -12.23 1.85 -7.44
C GLU A 101 -12.37 2.03 -7.42
N SER A 102 -11.36 2.68 -7.98
CA SER A 102 -10.42 3.39 -7.13
C SER A 102 -9.84 4.62 -7.80
N PHE A 103 -9.16 5.41 -6.98
CA PHE A 103 -8.48 6.61 -7.41
C PHE A 103 -7.08 6.55 -6.82
N CYS A 104 -6.07 6.71 -7.67
CA CYS A 104 -4.67 6.59 -7.25
C CYS A 104 -3.99 7.92 -7.49
N TYR A 105 -3.20 8.35 -6.50
CA TYR A 105 -2.40 9.55 -6.68
C TYR A 105 -1.01 9.34 -6.10
N LEU A 106 -0.08 10.12 -6.63
CA LEU A 106 1.32 9.98 -6.37
C LEU A 106 1.83 11.20 -5.62
N ASN A 107 3.15 11.28 -5.49
CA ASN A 107 3.83 12.37 -4.83
C ASN A 107 3.33 13.72 -5.33
N PRO A 108 2.75 14.56 -4.47
CA PRO A 108 2.32 15.90 -4.92
C PRO A 108 3.43 16.76 -5.46
N ASN A 109 4.69 16.43 -5.17
CA ASN A 109 5.80 17.20 -5.68
C ASN A 109 6.13 16.91 -7.13
N PHE A 110 5.52 15.88 -7.72
CA PHE A 110 5.68 15.63 -9.16
C PHE A 110 4.80 16.62 -9.92
N THR A 111 5.42 17.68 -10.41
CA THR A 111 4.75 18.71 -11.17
C THR A 111 5.43 18.75 -12.53
N PRO A 112 4.85 19.46 -13.52
CA PRO A 112 5.52 19.58 -14.82
C PRO A 112 6.94 20.07 -14.70
N ASP A 113 7.24 20.81 -13.64
CA ASP A 113 8.56 21.38 -13.41
C ASP A 113 9.57 20.39 -12.86
N HIS A 114 9.13 19.22 -12.39
CA HIS A 114 10.01 18.31 -11.69
C HIS A 114 10.96 17.63 -12.67
N PRO A 115 12.24 17.49 -12.31
CA PRO A 115 13.21 16.95 -13.29
C PRO A 115 12.93 15.53 -13.76
N ARG A 116 12.32 14.68 -12.93
CA ARG A 116 11.97 13.33 -13.38
C ARG A 116 10.81 13.38 -14.36
N ILE A 117 9.95 14.38 -14.21
CA ILE A 117 8.87 14.57 -15.18
C ILE A 117 9.42 15.14 -16.48
N GLN A 118 10.32 16.13 -16.38
CA GLN A 118 10.97 16.68 -17.57
C GLN A 118 11.67 15.59 -18.37
N ALA A 119 12.33 14.66 -17.68
CA ALA A 119 13.08 13.60 -18.35
C ALA A 119 12.19 12.45 -18.80
N LYS A 120 10.90 12.47 -18.48
CA LYS A 120 9.98 11.40 -18.86
C LYS A 120 10.42 10.06 -18.31
N THR A 121 10.90 10.06 -17.07
CA THR A 121 11.33 8.83 -16.44
C THR A 121 10.13 7.94 -16.13
N PRO A 122 10.16 6.65 -16.48
CA PRO A 122 9.02 5.78 -16.20
C PRO A 122 8.66 5.78 -14.72
N THR A 123 7.38 5.54 -14.44
CA THR A 123 6.71 5.48 -13.14
C THR A 123 6.46 6.84 -12.50
N HIS A 124 6.94 7.94 -13.07
CA HIS A 124 6.67 9.26 -12.54
C HIS A 124 5.58 9.89 -13.39
N GLU A 125 4.56 10.43 -12.72
CA GLU A 125 3.45 11.08 -13.41
C GLU A 125 2.98 12.24 -12.56
N VAL A 126 2.35 13.21 -13.22
CA VAL A 126 1.70 14.31 -12.52
C VAL A 126 0.27 13.89 -12.19
N ASN A 127 -0.13 14.12 -10.95
CA ASN A 127 -1.46 13.75 -10.52
C ASN A 127 -2.54 14.50 -11.29
N VAL A 128 -3.66 13.83 -11.47
CA VAL A 128 -4.87 14.43 -12.01
C VAL A 128 -5.90 14.53 -10.90
N TRP A 129 -6.69 15.60 -10.92
CA TRP A 129 -7.63 15.86 -9.84
C TRP A 129 -8.97 16.26 -10.41
N PRO A 130 -10.05 15.99 -9.68
CA PRO A 130 -11.37 16.49 -10.07
C PRO A 130 -11.45 18.00 -9.94
N ASP A 131 -12.51 18.54 -10.51
CA ASP A 131 -12.77 19.97 -10.41
C ASP A 131 -13.01 20.38 -8.96
N GLU A 132 -12.27 21.41 -8.52
CA GLU A 132 -12.41 21.90 -7.15
C GLU A 132 -13.83 22.35 -6.84
N THR A 133 -14.56 22.88 -7.81
CA THR A 133 -15.89 23.38 -7.50
C THR A 133 -16.88 22.23 -7.27
N LYS A 134 -16.65 21.08 -7.89
CA LYS A 134 -17.51 19.93 -7.69
C LYS A 134 -17.08 19.12 -6.46
N HIS A 135 -15.81 19.20 -6.08
CA HIS A 135 -15.27 18.43 -4.96
C HIS A 135 -14.46 19.36 -4.07
N PRO A 136 -15.10 20.34 -3.46
CA PRO A 136 -14.35 21.34 -2.68
C PRO A 136 -13.55 20.68 -1.57
N GLY A 137 -12.28 21.07 -1.45
CA GLY A 137 -11.43 20.61 -0.37
C GLY A 137 -10.82 19.26 -0.57
N PHE A 138 -11.21 18.51 -1.59
CA PHE A 138 -10.75 17.14 -1.73
C PHE A 138 -9.25 17.09 -2.02
N GLN A 139 -8.78 17.89 -2.97
CA GLN A 139 -7.36 17.83 -3.31
C GLN A 139 -6.52 18.28 -2.14
N ASP A 140 -6.96 19.31 -1.42
CA ASP A 140 -6.23 19.75 -0.24
C ASP A 140 -6.16 18.65 0.79
N PHE A 141 -7.28 17.96 1.03
CA PHE A 141 -7.27 16.87 2.01
C PHE A 141 -6.34 15.75 1.56
N ALA A 142 -6.42 15.38 0.28
CA ALA A 142 -5.68 14.22 -0.20
C ALA A 142 -4.17 14.48 -0.20
N GLU A 143 -3.76 15.69 -0.55
CA GLU A 143 -2.34 16.02 -0.53
C GLU A 143 -1.83 16.06 0.89
N GLN A 144 -2.61 16.65 1.80
N GLN A 144 -2.60 16.62 1.82
CA GLN A 144 -2.26 16.64 3.22
CA GLN A 144 -2.14 16.62 3.21
C GLN A 144 -2.11 15.21 3.71
C GLN A 144 -2.13 15.21 3.78
N TYR A 145 -3.08 14.36 3.38
CA TYR A 145 -3.05 12.99 3.85
C TYR A 145 -1.77 12.29 3.39
N TYR A 146 -1.34 12.54 2.15
CA TYR A 146 -0.10 11.94 1.66
C TYR A 146 1.04 12.22 2.61
N TRP A 147 1.17 13.48 3.04
CA TRP A 147 2.29 13.84 3.93
C TRP A 147 2.08 13.32 5.34
N ASP A 148 0.83 13.22 5.79
CA ASP A 148 0.57 12.62 7.10
C ASP A 148 1.00 11.16 7.14
N VAL A 149 0.61 10.38 6.12
CA VAL A 149 0.96 8.96 6.07
C VAL A 149 2.42 8.78 5.69
N PHE A 150 3.00 9.70 4.94
CA PHE A 150 4.44 9.70 4.74
C PHE A 150 5.17 9.78 6.08
N GLY A 151 4.70 10.66 6.97
CA GLY A 151 5.35 10.80 8.27
C GLY A 151 5.24 9.55 9.10
N LEU A 152 4.07 8.93 9.13
CA LEU A 152 3.94 7.68 9.87
C LEU A 152 4.86 6.62 9.29
N SER A 153 4.93 6.56 7.96
CA SER A 153 5.72 5.55 7.28
C SER A 153 7.20 5.74 7.55
N SER A 154 7.66 7.00 7.56
N SER A 154 7.64 7.00 7.67
CA SER A 154 9.04 7.26 7.93
CA SER A 154 9.05 7.27 7.95
C SER A 154 9.35 6.66 9.30
C SER A 154 9.42 6.83 9.36
N ALA A 155 8.48 6.93 10.28
CA ALA A 155 8.70 6.41 11.63
C ALA A 155 8.71 4.89 11.63
N LEU A 156 7.79 4.23 10.91
CA LEU A 156 7.79 2.78 10.84
C LEU A 156 9.09 2.25 10.25
N LEU A 157 9.62 2.94 9.23
CA LEU A 157 10.88 2.50 8.64
C LEU A 157 12.03 2.54 9.63
N LYS A 158 12.00 3.47 10.59
CA LYS A 158 13.01 3.47 11.65
C LYS A 158 12.89 2.24 12.51
N GLY A 159 11.66 1.83 12.80
CA GLY A 159 11.44 0.60 13.53
C GLY A 159 11.98 -0.62 12.81
N TYR A 160 11.74 -0.70 11.49
CA TYR A 160 12.21 -1.86 10.74
C TYR A 160 13.73 -1.88 10.71
N ALA A 161 14.36 -0.73 10.55
CA ALA A 161 15.82 -0.67 10.55
C ALA A 161 16.37 -1.19 11.87
N LEU A 162 15.83 -0.69 12.99
CA LEU A 162 16.34 -1.12 14.29
C LEU A 162 16.10 -2.60 14.51
N ALA A 163 14.96 -3.11 14.01
CA ALA A 163 14.62 -4.52 14.17
C ALA A 163 15.67 -5.41 13.53
N LEU A 164 16.26 -4.94 12.43
CA LEU A 164 17.24 -5.70 11.67
C LEU A 164 18.67 -5.42 12.10
N GLY A 165 18.88 -4.64 13.16
CA GLY A 165 20.23 -4.36 13.62
C GLY A 165 20.93 -3.23 12.90
N LYS A 166 20.21 -2.40 12.16
CA LYS A 166 20.75 -1.28 11.43
C LYS A 166 20.44 0.02 12.17
N GLU A 167 21.20 1.08 11.83
CA GLU A 167 20.91 2.40 12.35
C GLU A 167 19.55 2.85 11.82
N GLU A 168 18.90 3.73 12.58
CA GLU A 168 17.47 3.92 12.33
C GLU A 168 17.16 4.57 11.00
N ASN A 169 18.13 5.22 10.35
CA ASN A 169 17.86 5.86 9.06
C ASN A 169 18.22 4.98 7.88
N PHE A 170 18.46 3.69 8.11
CA PHE A 170 18.93 2.81 7.05
C PHE A 170 17.98 2.77 5.85
N PHE A 171 16.68 2.68 6.10
CA PHE A 171 15.70 2.73 5.01
C PHE A 171 15.23 4.14 4.77
N ALA A 172 14.99 4.88 5.84
CA ALA A 172 14.34 6.16 5.75
C ALA A 172 15.17 7.17 4.97
N ARG A 173 16.49 6.99 4.92
CA ARG A 173 17.29 7.95 4.16
C ARG A 173 16.97 7.93 2.68
N HIS A 174 16.37 6.84 2.19
CA HIS A 174 16.02 6.70 0.79
C HIS A 174 14.57 7.07 0.52
N PHE A 175 13.84 7.50 1.55
CA PHE A 175 12.40 7.75 1.49
C PHE A 175 12.27 9.25 1.69
N LYS A 176 12.21 9.98 0.58
CA LYS A 176 12.36 11.42 0.59
C LYS A 176 11.17 12.08 -0.06
N PRO A 177 10.75 13.24 0.44
CA PRO A 177 9.60 13.91 -0.18
C PRO A 177 9.85 14.33 -1.60
N ASP A 178 11.11 14.61 -1.98
CA ASP A 178 11.34 15.13 -3.32
C ASP A 178 11.22 14.06 -4.39
N ASP A 179 11.41 12.79 -4.07
CA ASP A 179 11.46 11.78 -5.13
C ASP A 179 10.70 10.48 -4.87
N THR A 180 10.00 10.33 -3.74
CA THR A 180 9.38 9.06 -3.43
C THR A 180 8.36 8.68 -4.50
N LEU A 181 8.40 7.41 -4.90
CA LEU A 181 7.42 6.83 -5.81
C LEU A 181 6.20 6.26 -5.09
N ALA A 182 6.02 6.61 -3.81
CA ALA A 182 4.92 6.10 -3.01
C ALA A 182 3.59 6.55 -3.60
N SER A 183 2.57 5.71 -3.42
CA SER A 183 1.24 6.08 -3.90
C SER A 183 0.21 5.85 -2.83
N VAL A 184 -0.89 6.60 -2.93
CA VAL A 184 -2.11 6.35 -2.16
C VAL A 184 -3.15 5.84 -3.14
N VAL A 185 -3.89 4.82 -2.75
CA VAL A 185 -5.03 4.35 -3.56
C VAL A 185 -6.27 4.42 -2.70
N LEU A 186 -7.31 5.11 -3.20
CA LEU A 186 -8.58 5.19 -2.49
C LEU A 186 -9.54 4.21 -3.16
N ILE A 187 -9.73 3.04 -2.54
CA ILE A 187 -10.49 1.95 -3.16
C ILE A 187 -11.88 1.88 -2.55
N ARG A 188 -12.89 1.85 -3.42
CA ARG A 188 -14.25 1.56 -3.00
C ARG A 188 -14.61 0.12 -3.37
N TYR A 189 -15.01 -0.67 -2.38
CA TYR A 189 -15.63 -1.96 -2.63
C TYR A 189 -17.11 -1.79 -2.31
N PRO A 190 -17.99 -1.86 -3.30
CA PRO A 190 -19.39 -1.49 -3.08
C PRO A 190 -20.24 -2.65 -2.58
N TYR A 191 -21.35 -2.29 -1.96
CA TYR A 191 -22.45 -3.23 -1.81
C TYR A 191 -23.25 -3.26 -3.10
N LEU A 192 -23.50 -4.47 -3.61
CA LEU A 192 -24.25 -4.62 -4.85
C LEU A 192 -25.26 -5.75 -4.74
N ASP A 193 -26.46 -5.51 -5.21
CA ASP A 193 -27.46 -6.56 -5.18
C ASP A 193 -28.23 -6.50 -6.48
N PRO A 194 -28.12 -7.51 -7.36
CA PRO A 194 -27.30 -8.73 -7.27
C PRO A 194 -25.82 -8.41 -7.43
N TYR A 195 -24.96 -9.20 -6.82
CA TYR A 195 -23.54 -8.95 -7.00
C TYR A 195 -23.06 -9.63 -8.29
N PRO A 196 -22.32 -8.92 -9.15
CA PRO A 196 -21.91 -9.53 -10.43
C PRO A 196 -21.00 -10.73 -10.25
N GLU A 197 -21.43 -11.88 -10.79
CA GLU A 197 -20.65 -13.11 -10.64
C GLU A 197 -19.26 -12.97 -11.27
N ALA A 198 -19.12 -12.15 -12.31
CA ALA A 198 -17.82 -11.97 -12.95
C ALA A 198 -16.83 -11.27 -12.05
N ALA A 199 -17.30 -10.59 -11.01
CA ALA A 199 -16.42 -9.91 -10.07
C ALA A 199 -15.97 -10.79 -8.92
N ILE A 200 -16.42 -12.04 -8.88
CA ILE A 200 -16.07 -12.98 -7.82
C ILE A 200 -15.19 -14.05 -8.43
N LYS A 201 -14.03 -14.28 -7.84
CA LYS A 201 -13.13 -15.34 -8.26
C LYS A 201 -13.20 -16.47 -7.24
N THR A 202 -13.08 -17.70 -7.71
CA THR A 202 -13.07 -18.86 -6.82
C THR A 202 -11.63 -19.35 -6.68
N ALA A 203 -11.14 -19.36 -5.45
CA ALA A 203 -9.81 -19.85 -5.17
C ALA A 203 -9.74 -21.37 -5.30
N ALA A 204 -8.51 -21.88 -5.36
CA ALA A 204 -8.30 -23.32 -5.40
C ALA A 204 -8.98 -24.02 -4.23
N ASP A 205 -8.97 -23.40 -3.04
CA ASP A 205 -9.57 -24.01 -1.85
C ASP A 205 -11.07 -23.76 -1.74
N GLY A 206 -11.69 -23.17 -2.76
CA GLY A 206 -13.12 -22.93 -2.76
C GLY A 206 -13.57 -21.58 -2.28
N THR A 207 -12.70 -20.81 -1.64
CA THR A 207 -13.08 -19.51 -1.09
C THR A 207 -13.40 -18.52 -2.20
N LYS A 208 -14.49 -17.77 -2.03
CA LYS A 208 -14.82 -16.72 -2.99
C LYS A 208 -14.00 -15.47 -2.69
N LEU A 209 -13.37 -14.93 -3.73
CA LEU A 209 -12.42 -13.85 -3.57
C LEU A 209 -12.79 -12.63 -4.41
N SER A 210 -12.39 -11.46 -3.91
CA SER A 210 -12.37 -10.25 -4.71
C SER A 210 -11.03 -10.00 -5.39
N PHE A 211 -9.92 -10.50 -4.82
CA PHE A 211 -8.59 -10.27 -5.37
C PHE A 211 -7.74 -11.46 -4.94
N GLU A 212 -7.02 -12.06 -5.89
CA GLU A 212 -6.29 -13.28 -5.66
C GLU A 212 -4.98 -13.05 -4.91
N TRP A 213 -4.37 -14.17 -4.53
CA TRP A 213 -3.12 -14.17 -3.80
C TRP A 213 -2.07 -13.34 -4.52
N HIS A 214 -1.25 -12.64 -3.73
CA HIS A 214 -0.15 -11.88 -4.29
C HIS A 214 0.78 -11.52 -3.14
N GLU A 215 2.00 -11.15 -3.53
CA GLU A 215 2.91 -10.40 -2.67
C GLU A 215 2.84 -8.93 -3.10
N ASP A 216 3.00 -8.04 -2.14
CA ASP A 216 2.89 -6.62 -2.47
C ASP A 216 4.14 -6.12 -3.19
N VAL A 217 3.92 -5.19 -4.11
CA VAL A 217 4.99 -4.44 -4.77
C VAL A 217 5.17 -3.18 -3.92
N SER A 218 6.09 -3.25 -2.96
CA SER A 218 6.35 -2.15 -2.04
C SER A 218 7.58 -2.53 -1.23
N LEU A 219 8.13 -1.54 -0.52
CA LEU A 219 9.00 -1.83 0.63
C LEU A 219 8.16 -2.30 1.80
N ILE A 220 7.24 -1.45 2.26
CA ILE A 220 6.17 -1.85 3.16
C ILE A 220 4.88 -1.24 2.64
N THR A 221 3.77 -1.79 3.13
CA THR A 221 2.42 -1.32 2.80
C THR A 221 1.75 -0.88 4.09
N VAL A 222 1.14 0.29 4.05
CA VAL A 222 0.55 0.94 5.21
C VAL A 222 -0.91 1.15 4.89
N LEU A 223 -1.79 0.35 5.49
CA LEU A 223 -3.15 0.23 5.00
C LEU A 223 -4.20 0.59 6.04
N TYR A 224 -5.11 1.47 5.64
N TYR A 224 -5.14 1.46 5.66
CA TYR A 224 -6.33 1.69 6.40
CA TYR A 224 -6.30 1.71 6.49
C TYR A 224 -7.48 0.98 5.70
C TYR A 224 -7.54 1.18 5.79
N GLN A 225 -8.33 0.35 6.48
CA GLN A 225 -9.54 -0.23 5.93
C GLN A 225 -10.69 0.01 6.90
N SER A 226 -11.90 0.10 6.35
CA SER A 226 -13.03 0.18 7.24
C SER A 226 -13.27 -1.18 7.89
N ASN A 227 -14.17 -1.21 8.86
N ASN A 227 -14.24 -1.19 8.81
CA ASN A 227 -14.25 -2.34 9.79
CA ASN A 227 -14.42 -2.29 9.76
C ASN A 227 -15.14 -3.47 9.24
C ASN A 227 -15.26 -3.40 9.13
N VAL A 228 -14.64 -4.08 8.16
CA VAL A 228 -15.28 -5.20 7.48
C VAL A 228 -14.17 -6.20 7.21
N GLN A 229 -14.28 -7.39 7.80
CA GLN A 229 -13.22 -8.39 7.66
C GLN A 229 -13.15 -8.87 6.23
N ASN A 230 -11.93 -8.92 5.68
CA ASN A 230 -11.78 -9.35 4.30
C ASN A 230 -10.44 -10.00 3.97
N LEU A 231 -9.39 -9.67 4.71
CA LEU A 231 -8.07 -10.10 4.28
C LEU A 231 -7.72 -11.45 4.88
N GLN A 232 -6.97 -12.24 4.12
CA GLN A 232 -6.42 -13.48 4.63
C GLN A 232 -4.96 -13.55 4.26
N VAL A 233 -4.17 -14.15 5.15
CA VAL A 233 -2.73 -14.34 4.95
C VAL A 233 -2.45 -15.83 4.85
N GLU A 234 -1.57 -16.18 3.92
CA GLU A 234 -1.20 -17.56 3.74
C GLU A 234 -0.14 -17.94 4.75
N THR A 235 -0.33 -19.08 5.40
CA THR A 235 0.68 -19.74 6.21
C THR A 235 0.86 -21.15 5.68
N ALA A 236 1.83 -21.86 6.23
CA ALA A 236 2.07 -23.22 5.78
C ALA A 236 0.86 -24.11 6.01
N ALA A 237 0.03 -23.78 7.02
CA ALA A 237 -1.15 -24.56 7.34
C ALA A 237 -2.42 -24.00 6.72
N GLY A 238 -2.29 -23.09 5.77
CA GLY A 238 -3.41 -22.58 5.02
C GLY A 238 -3.64 -21.11 5.30
N TYR A 239 -4.71 -20.62 4.71
CA TYR A 239 -5.04 -19.21 4.85
C TYR A 239 -5.71 -18.96 6.19
N GLN A 240 -5.38 -17.81 6.78
CA GLN A 240 -5.90 -17.40 8.06
C GLN A 240 -6.50 -16.01 7.93
N ASP A 241 -7.64 -15.80 8.59
CA ASP A 241 -8.31 -14.52 8.51
C ASP A 241 -7.59 -13.47 9.37
N ILE A 242 -7.47 -12.27 8.81
CA ILE A 242 -6.96 -11.10 9.53
C ILE A 242 -8.17 -10.31 10.02
N GLU A 243 -8.28 -10.11 11.33
CA GLU A 243 -9.41 -9.39 11.87
C GLU A 243 -9.28 -7.92 11.54
N ALA A 244 -10.42 -7.27 11.33
CA ALA A 244 -10.42 -5.86 10.97
C ALA A 244 -10.27 -5.00 12.20
N ASP A 245 -9.72 -3.80 12.01
CA ASP A 245 -9.63 -2.79 13.07
C ASP A 245 -9.59 -1.46 12.33
N ASP A 246 -10.67 -0.70 12.40
CA ASP A 246 -10.76 0.57 11.70
C ASP A 246 -10.24 1.75 12.52
N THR A 247 -9.47 1.49 13.58
CA THR A 247 -8.72 2.57 14.21
C THR A 247 -7.23 2.47 13.94
N GLY A 248 -6.74 1.34 13.46
CA GLY A 248 -5.32 1.10 13.32
C GLY A 248 -4.96 1.02 11.85
N TYR A 249 -3.66 1.09 11.59
CA TYR A 249 -3.10 0.81 10.29
C TYR A 249 -2.53 -0.59 10.26
N LEU A 250 -2.90 -1.35 9.24
CA LEU A 250 -2.35 -2.69 9.00
C LEU A 250 -1.08 -2.57 8.17
N ILE A 251 0.00 -3.16 8.66
CA ILE A 251 1.33 -3.02 8.09
C ILE A 251 1.82 -4.39 7.66
N ASN A 252 2.44 -4.44 6.49
CA ASN A 252 3.16 -5.64 6.06
C ASN A 252 4.29 -5.25 5.13
N CYS A 253 5.23 -6.17 4.95
CA CYS A 253 6.33 -5.97 4.02
C CYS A 253 5.93 -6.34 2.61
N GLY A 254 6.53 -5.63 1.64
CA GLY A 254 6.46 -6.02 0.25
C GLY A 254 7.72 -6.72 -0.22
N SER A 255 7.70 -7.08 -1.50
CA SER A 255 8.76 -7.96 -1.98
C SER A 255 10.12 -7.29 -2.07
N TYR A 256 10.21 -5.96 -2.05
CA TYR A 256 11.54 -5.36 -2.01
C TYR A 256 12.23 -5.61 -0.68
N MET A 257 11.47 -5.63 0.42
CA MET A 257 12.04 -5.96 1.73
C MET A 257 12.52 -7.40 1.76
N ALA A 258 11.76 -8.31 1.15
CA ALA A 258 12.18 -9.70 1.10
C ALA A 258 13.46 -9.85 0.30
N HIS A 259 13.57 -9.12 -0.81
CA HIS A 259 14.80 -9.17 -1.59
C HIS A 259 15.98 -8.67 -0.76
N LEU A 260 15.84 -7.52 -0.13
N LEU A 260 15.79 -7.51 -0.12
CA LEU A 260 17.04 -6.97 0.51
CA LEU A 260 16.84 -6.83 0.64
C LEU A 260 17.40 -7.64 1.83
C LEU A 260 17.39 -7.72 1.75
N THR A 261 16.52 -8.44 2.43
CA THR A 261 16.86 -9.22 3.61
C THR A 261 17.08 -10.70 3.34
N ASN A 262 17.21 -11.09 2.08
CA ASN A 262 17.41 -12.49 1.73
C ASN A 262 16.30 -13.36 2.31
N ASN A 263 15.08 -12.82 2.25
CA ASN A 263 13.86 -13.48 2.68
C ASN A 263 13.77 -13.68 4.17
N TYR A 264 14.59 -12.97 4.95
CA TYR A 264 14.42 -13.04 6.40
C TYR A 264 13.11 -12.42 6.84
N TYR A 265 12.77 -11.26 6.29
CA TYR A 265 11.41 -10.71 6.37
C TYR A 265 10.75 -11.00 5.03
N LYS A 266 9.91 -12.03 5.01
CA LYS A 266 9.21 -12.40 3.79
C LYS A 266 8.13 -11.38 3.48
N ALA A 267 7.76 -11.33 2.21
CA ALA A 267 6.59 -10.56 1.81
C ALA A 267 5.42 -11.53 1.95
N PRO A 268 4.52 -11.33 2.90
CA PRO A 268 3.46 -12.33 3.10
C PRO A 268 2.53 -12.37 1.90
N ILE A 269 2.18 -13.58 1.50
CA ILE A 269 1.16 -13.78 0.49
C ILE A 269 -0.20 -13.58 1.15
N HIS A 270 -1.05 -12.77 0.52
CA HIS A 270 -2.36 -12.49 1.09
C HIS A 270 -3.35 -12.34 -0.06
N ARG A 271 -4.63 -12.41 0.29
CA ARG A 271 -5.71 -12.32 -0.69
C ARG A 271 -6.90 -11.64 -0.02
N VAL A 272 -7.86 -11.24 -0.85
CA VAL A 272 -9.03 -10.48 -0.39
C VAL A 272 -10.26 -11.33 -0.61
N LYS A 273 -10.92 -11.70 0.47
CA LYS A 273 -12.15 -12.45 0.35
C LYS A 273 -13.27 -11.57 -0.17
N TRP A 274 -14.20 -12.20 -0.87
CA TRP A 274 -15.41 -11.52 -1.30
C TRP A 274 -16.36 -11.37 -0.13
N VAL A 275 -16.78 -10.14 0.11
CA VAL A 275 -17.78 -9.81 1.10
C VAL A 275 -18.70 -8.78 0.48
N ASN A 276 -20.00 -9.01 0.57
CA ASN A 276 -20.94 -8.08 -0.06
C ASN A 276 -21.29 -7.00 0.97
N ALA A 277 -20.45 -5.97 1.00
CA ALA A 277 -20.60 -4.90 1.96
C ALA A 277 -19.88 -3.68 1.43
N GLU A 278 -20.46 -2.51 1.67
CA GLU A 278 -19.84 -1.26 1.28
C GLU A 278 -18.65 -1.00 2.19
N ARG A 279 -17.46 -0.84 1.60
CA ARG A 279 -16.28 -0.68 2.44
C ARG A 279 -15.20 0.07 1.69
N GLN A 280 -14.21 0.51 2.46
CA GLN A 280 -13.07 1.26 1.95
C GLN A 280 -11.79 0.50 2.21
N SER A 281 -10.85 0.57 1.26
CA SER A 281 -9.51 0.02 1.42
C SER A 281 -8.57 1.11 0.91
N LEU A 282 -7.73 1.66 1.80
CA LEU A 282 -6.93 2.86 1.53
C LEU A 282 -5.45 2.58 1.79
N PRO A 283 -4.78 1.90 0.86
CA PRO A 283 -3.36 1.63 1.03
C PRO A 283 -2.47 2.80 0.65
N PHE A 284 -1.35 2.90 1.37
CA PHE A 284 -0.21 3.73 1.01
C PHE A 284 0.93 2.76 0.76
N PHE A 285 1.44 2.75 -0.46
CA PHE A 285 2.52 1.85 -0.80
C PHE A 285 3.82 2.60 -0.64
N VAL A 286 4.65 2.15 0.31
CA VAL A 286 5.90 2.83 0.60
C VAL A 286 6.92 2.38 -0.43
N ASN A 287 7.21 3.27 -1.38
CA ASN A 287 8.19 3.07 -2.42
C ASN A 287 9.30 4.08 -2.25
N LEU A 288 10.50 3.70 -2.65
CA LEU A 288 11.64 4.60 -2.53
C LEU A 288 11.74 5.47 -3.78
N GLY A 289 12.91 6.00 -4.07
CA GLY A 289 13.11 6.80 -5.28
C GLY A 289 13.54 5.93 -6.43
N TYR A 290 13.51 6.51 -7.63
CA TYR A 290 13.75 5.70 -8.82
C TYR A 290 15.16 5.10 -8.84
N ASP A 291 16.15 5.84 -8.38
N ASP A 291 16.15 5.86 -8.37
CA ASP A 291 17.53 5.35 -8.39
CA ASP A 291 17.53 5.40 -8.37
C ASP A 291 17.95 4.73 -7.07
C ASP A 291 17.98 4.89 -7.01
N SER A 292 17.05 4.67 -6.08
CA SER A 292 17.42 4.14 -4.77
C SER A 292 17.86 2.69 -4.89
N VAL A 293 18.99 2.37 -4.28
CA VAL A 293 19.47 1.00 -4.23
C VAL A 293 19.92 0.75 -2.81
N ILE A 294 19.46 -0.33 -2.22
CA ILE A 294 19.95 -0.78 -0.92
C ILE A 294 20.68 -2.10 -1.14
N ASP A 295 21.90 -2.19 -0.65
CA ASP A 295 22.66 -3.41 -0.80
C ASP A 295 22.02 -4.52 0.02
N PRO A 296 21.69 -5.66 -0.59
CA PRO A 296 21.10 -6.76 0.19
C PRO A 296 22.05 -7.28 1.25
N PHE A 297 21.48 -7.79 2.33
CA PHE A 297 22.23 -8.37 3.44
C PHE A 297 21.42 -9.54 3.96
N ASP A 298 22.07 -10.40 4.73
CA ASP A 298 21.41 -11.57 5.30
C ASP A 298 21.59 -11.51 6.81
N PRO A 299 20.56 -11.11 7.55
CA PRO A 299 20.68 -10.99 9.02
C PRO A 299 20.98 -12.29 9.72
N ARG A 300 20.84 -13.42 9.06
CA ARG A 300 21.13 -14.70 9.69
C ARG A 300 22.62 -14.96 9.77
N GLU A 301 23.41 -14.28 8.95
CA GLU A 301 24.84 -14.57 8.89
C GLU A 301 25.58 -13.61 9.80
N PRO A 302 26.56 -14.10 10.59
CA PRO A 302 27.38 -13.19 11.40
C PRO A 302 27.79 -11.96 10.61
N ASN A 303 28.38 -12.15 9.43
CA ASN A 303 28.88 -11.03 8.63
C ASN A 303 27.80 -10.35 7.78
N GLY A 304 26.56 -10.84 7.79
CA GLY A 304 25.52 -10.24 6.98
C GLY A 304 25.71 -10.40 5.48
N LYS A 305 26.64 -11.25 5.05
CA LYS A 305 26.94 -11.34 3.63
C LYS A 305 25.76 -11.93 2.89
N SER A 306 25.45 -11.35 1.73
CA SER A 306 24.43 -11.86 0.83
C SER A 306 25.01 -11.87 -0.57
N ASP A 307 24.61 -12.87 -1.36
CA ASP A 307 25.02 -12.97 -2.77
C ASP A 307 24.00 -12.37 -3.71
N ARG A 308 22.92 -11.81 -3.18
CA ARG A 308 21.85 -11.27 -4.02
C ARG A 308 22.29 -9.96 -4.65
N GLU A 309 21.87 -9.74 -5.89
CA GLU A 309 22.26 -8.53 -6.59
C GLU A 309 21.50 -7.33 -6.05
N PRO A 310 22.15 -6.18 -5.92
CA PRO A 310 21.39 -4.95 -5.66
C PRO A 310 20.42 -4.68 -6.80
N LEU A 311 19.25 -4.16 -6.45
CA LEU A 311 18.18 -3.93 -7.41
C LEU A 311 17.73 -2.49 -7.26
N SER A 312 17.78 -1.75 -8.36
CA SER A 312 17.33 -0.37 -8.34
C SER A 312 15.83 -0.33 -8.10
N TYR A 313 15.38 0.57 -7.23
CA TYR A 313 13.96 0.58 -6.87
C TYR A 313 13.09 0.86 -8.09
N GLY A 314 13.55 1.72 -9.00
CA GLY A 314 12.73 2.05 -10.16
C GLY A 314 12.49 0.87 -11.06
N ASP A 315 13.53 0.09 -11.32
CA ASP A 315 13.37 -1.10 -12.17
C ASP A 315 12.49 -2.13 -11.48
N TYR A 316 12.65 -2.28 -10.16
CA TYR A 316 11.82 -3.19 -9.39
C TYR A 316 10.34 -2.79 -9.53
N LEU A 317 10.07 -1.50 -9.38
CA LEU A 317 8.67 -1.06 -9.38
C LEU A 317 8.05 -1.19 -10.76
N GLN A 318 8.77 -0.80 -11.81
CA GLN A 318 8.22 -0.89 -13.15
C GLN A 318 7.83 -2.33 -13.46
N ASN A 319 8.75 -3.26 -13.23
CA ASN A 319 8.46 -4.66 -13.51
C ASN A 319 7.38 -5.20 -12.59
N GLY A 320 7.39 -4.79 -11.31
CA GLY A 320 6.45 -5.35 -10.36
C GLY A 320 5.01 -4.95 -10.63
N LEU A 321 4.79 -3.69 -11.01
CA LEU A 321 3.43 -3.24 -11.26
C LEU A 321 2.86 -3.94 -12.48
N VAL A 322 3.67 -4.10 -13.52
CA VAL A 322 3.18 -4.76 -14.72
C VAL A 322 2.87 -6.22 -14.42
N SER A 323 3.77 -6.90 -13.70
CA SER A 323 3.55 -8.31 -13.39
C SER A 323 2.30 -8.51 -12.57
N LEU A 324 2.03 -7.60 -11.63
CA LEU A 324 0.82 -7.75 -10.82
C LEU A 324 -0.43 -7.61 -11.66
N ILE A 325 -0.43 -6.69 -12.63
CA ILE A 325 -1.57 -6.59 -13.54
C ILE A 325 -1.71 -7.87 -14.35
N ASN A 326 -0.59 -8.38 -14.86
CA ASN A 326 -0.66 -9.59 -15.69
C ASN A 326 -1.17 -10.78 -14.90
N LYS A 327 -0.82 -10.86 -13.61
CA LYS A 327 -1.18 -12.05 -12.83
C LYS A 327 -2.60 -11.95 -12.30
N ASN A 328 -2.96 -10.81 -11.72
CA ASN A 328 -4.20 -10.68 -10.97
C ASN A 328 -5.23 -9.78 -11.63
N GLY A 329 -4.93 -9.18 -12.78
CA GLY A 329 -5.90 -8.44 -13.54
C GLY A 329 -5.75 -6.94 -13.38
N GLN A 330 -6.26 -6.21 -14.38
CA GLN A 330 -6.35 -4.77 -14.29
C GLN A 330 -7.38 -4.41 -13.24
N THR A 331 -6.98 -3.62 -12.25
CA THR A 331 -7.91 -3.17 -11.22
C THR A 331 -8.66 -1.93 -11.67
S SO4 B . 7.04 0.59 27.14
O1 SO4 B . 7.47 1.87 26.59
O2 SO4 B . 5.58 0.51 27.13
O3 SO4 B . 7.49 0.47 28.52
O4 SO4 B . 7.59 -0.51 26.35
S SO4 C . 14.19 -18.80 7.59
O1 SO4 C . 14.87 -19.62 6.60
O2 SO4 C . 13.47 -17.73 6.92
O3 SO4 C . 13.26 -19.61 8.36
O4 SO4 C . 15.18 -18.21 8.50
C1 ACV D . 0.46 2.46 -8.10
C2 ACV D . -0.78 1.66 -7.76
C3 ACV D . -0.36 0.21 -7.44
C4 ACV D . -1.58 -0.64 -7.08
C7 ACV D . -1.21 -2.11 -6.83
C10 ACV D . -2.41 -2.96 -6.52
N11 ACV D . -2.52 -3.31 -5.24
C12 ACV D . -3.52 -4.24 -4.73
C13 ACV D . -4.43 -3.49 -3.77
C13 ACV D . -4.31 -3.52 -3.66
N14 ACV D . -1.71 1.74 -8.91
O15 ACV D . -3.23 -3.28 -7.38
C16 ACV D . -2.82 -5.40 -4.03
S17 ACV D . -1.74 -4.87 -2.68
O18 ACV D . -4.53 -2.26 -3.83
O18 ACV D . -3.95 -2.41 -3.25
O19 ACV D . 1.29 2.62 -7.11
O20 ACV D . 0.63 2.88 -9.22
N29 ACV D . -5.07 -4.22 -2.85
N29 ACV D . -5.36 -4.17 -3.13
C30 ACV D . -5.84 -3.60 -1.79
C30 ACV D . -6.10 -3.60 -2.02
C31 ACV D . -7.28 -4.05 -1.84
C31 ACV D . -7.48 -4.23 -1.93
C32 ACV D . -5.24 -3.89 -0.40
C32 ACV D . -5.34 -3.75 -0.68
C33 ACV D . -5.13 -5.39 -0.15
C37 ACV D . -3.87 -3.22 -0.23
O42 ACV D . -8.07 -3.74 -0.98
O42 ACV D . -8.13 -4.13 -0.92
O43 ACV D . -7.58 -4.79 -2.89
O43 ACV D . -7.87 -4.87 -3.02
O1 OXY E . -4.74 -6.24 -0.93
O2 OXY E . -3.58 -6.59 -0.88
FE FE F . -1.57 -6.57 -1.14
#